data_6V6C
#
_entry.id   6V6C
#
_cell.length_a   1.00
_cell.length_b   1.00
_cell.length_c   1.00
_cell.angle_alpha   90.00
_cell.angle_beta   90.00
_cell.angle_gamma   90.00
#
_symmetry.space_group_name_H-M   'P 1'
#
_entity_poly.entity_id   1
_entity_poly.type   'polypeptide(L)'
_entity_poly.pdbx_seq_one_letter_code
;MASITQLFDDLCEALLPAAKTHLGQRSVNRKRAKRSLKKVAYNALFTNLFQDETQQLQPDMSKLPARNKILMLSFDLRVG
GLGPKADRLEELVEELEAAPCCPLLEVGSVLDLLVQLAGSGPPQVLPRKRDYFLNNKHVGRNVPYSGYDCDDLSVFEMDV
QSLISREECLCHSMIQETLQVMEAAPGTGLPTVGLFSFGDPCGDRFERDTRVSLFGALVHSRTYDMDVRLGLPPVPDNAD
LSGLAIKVPPSVDQWEDEGFQSASNLTPDSQSEPSVTPDVDLWEAALTYEASKRRCWERVGCPPGHREEPYLTEAGRDAF
DKFCRLHQGELQLLAGGVLQAPQPVLVKECELVKDVLNVLIGVVSATFSLCQPAQAFVVKRGVHVSGASPESISSLLSEV
AEYGTCYTRLSHFSLQPVLDSLYSKGLVFQAFTSGLRRYLQYYRACVLSTPPTLSLLTIGFLFKKLGRQLRYLAELCGVG
AVLPGTCGGGPRAAFPTGVKLLSYLYQEALHNCSNEHYPVLLSLLKTSCEPYTRFIHDWVYSGVFRDAYGEFMIQVNHEY
LSFRDKLYWTHGYVLISKEVEDCVPVFLKHIAHDIYVCGKTINLLKLCCPRHYLCWSDVPVPRISVIFSLEELKEIEKDC
AVYVGRMERVARHSSVSKEEKELRMEIAKQELIAHAREAASRVLSALSDRQMSERMALDARKREQFQRLKEQFVKDQERR
QAARQEELDDDFSYARELRDRERRLKSLEEELERKARQALVDHYSKLSAEAARREQKALWRIQRHRLESARLRFLLEDEK
HIQEMLKAVSEAHQPQEPPDVLLSVHPQVTSPGPEHPEGGQGCDSGSAEQHSPAWDGWNRPGLLTPQPLKPLAVGAGGRG
LQQAEGARPFSDSLSIGDFLPVGPGAEPSVQTGMVPLLEVALQTINLDLPPSAPGEAPAAASTQPSRPQEYDFSTVLRPA
VATSPAPGPLQAAECSLGSSGLQLWEDSCGKMDACGSASRETLLPSHPPRRAALEEGSSQPTERLFGQVSGGGLPTGDYA
SEIAPTRPRWNTHGHVSDASIRVGENVSDVAPTQPRWNTHGHVSNASISLGESVSDVAPTRPRWNIHGHVSNASIRVGEN
VSDVAPTRPRWNTHGHVSNASIRVGENVSDVAPTRPRWNTHGHVSDASISLGESVSDMAPARPRWNTHGHVSDASISLGE
SVSDMAPTRPRWNTHGHVSDTSIRVGENVSDVAPIRSRCNTHGHVSDASISLGEPVSDVVSTRPRWNTHVPIPPPHMVLG
ALSPEAEPNTPRPQQSPPGHTSQSALSLGAQSTVLDCGPRLPVEVGPSLSSPSSGCGEGSISVGENVSDVAPTQPWWPNT
PGDSVSEELGPGRSGDTEDLSPNWPLNSQEDTAAQSSPGRGEEAEASAAEAQGGEQAYLAGLAGQYHLERYPDSYESMSE
PPIAHLLRPVLPRAFAFPVDPQVQSAADETAVQLSELLTLPVLMKRSITAPLAAHISLVNKAAVDYFFVELHLEAHYEAL
RHFLLMEDGEFAQSLSDLLFEKLGAGQTPGELLNPLVLNSVLSKALQCSLHGDTPHASNLSLALKYLPEVFAPNAPDVLS
CLELRYKVDWPLNIVITEGCVSKYSGVFSFLLQLKLMMWALKDVCFHLKRTALLSHMAGSVQFRQLQLFKHEMQHFVKVI
QGYIANQILHVTWCEFRARLATVGDLEEIQRAHAEYLHKAVFRGLLTEKAAPVMNVIHSIFSLVLKFRSQLISQAWGPPG
GPRGAEHPNFALMQQSYNTFKYYSHFLFKVVTKLVNRGYQPHLEDFLLRINFNNYYQDA
;
_entity_poly.pdbx_strand_id   L
#
# COMPACT_ATOMS: atom_id res chain seq x y z
N GLU A 351 10.32 54.99 -52.28
CA GLU A 351 9.18 54.13 -52.66
C GLU A 351 8.39 53.76 -51.39
N LEU A 352 9.10 53.74 -50.25
CA LEU A 352 8.64 53.48 -48.86
C LEU A 352 8.44 51.99 -48.57
N VAL A 353 8.67 51.11 -49.56
CA VAL A 353 8.52 49.64 -49.33
C VAL A 353 9.58 49.17 -48.34
N LYS A 354 10.81 49.66 -48.48
CA LYS A 354 11.94 49.25 -47.59
C LYS A 354 11.72 49.79 -46.18
N ASP A 355 10.75 50.69 -46.00
CA ASP A 355 10.47 51.20 -44.66
C ASP A 355 9.54 50.27 -43.91
N VAL A 356 8.40 49.93 -44.51
CA VAL A 356 7.43 49.07 -43.83
C VAL A 356 7.99 47.67 -43.63
N LEU A 357 8.75 47.17 -44.60
CA LEU A 357 9.30 45.83 -44.46
C LEU A 357 10.36 45.76 -43.37
N ASN A 358 10.99 46.88 -43.04
CA ASN A 358 11.98 46.93 -41.98
C ASN A 358 11.37 47.24 -40.61
N VAL A 359 10.07 47.01 -40.45
CA VAL A 359 9.42 47.16 -39.15
C VAL A 359 9.19 45.81 -38.49
N LEU A 360 8.88 44.78 -39.29
CA LEU A 360 8.79 43.44 -38.74
C LEU A 360 10.11 42.96 -38.18
N ILE A 361 11.21 43.60 -38.56
CA ILE A 361 12.51 43.19 -38.04
C ILE A 361 12.79 43.84 -36.68
N GLY A 362 12.26 45.03 -36.44
CA GLY A 362 12.43 45.73 -35.18
C GLY A 362 13.24 47.01 -35.28
N VAL A 363 14.03 47.17 -36.33
CA VAL A 363 14.84 48.37 -36.48
C VAL A 363 13.94 49.57 -36.75
N VAL A 364 14.21 50.67 -36.05
CA VAL A 364 13.40 51.87 -36.21
C VAL A 364 13.62 52.47 -37.60
N SER A 365 12.72 53.35 -38.00
CA SER A 365 12.78 53.95 -39.32
C SER A 365 12.49 55.45 -39.19
N ALA A 366 12.37 56.12 -40.34
CA ALA A 366 12.14 57.56 -40.34
C ALA A 366 10.75 57.90 -39.83
N THR A 367 9.76 57.05 -40.11
CA THR A 367 8.39 57.28 -39.66
C THR A 367 8.00 56.37 -38.50
N PHE A 368 8.76 55.31 -38.25
CA PHE A 368 8.52 54.41 -37.13
C PHE A 368 9.47 54.78 -36.01
N SER A 369 8.94 55.36 -34.94
CA SER A 369 9.72 55.76 -33.78
C SER A 369 9.51 54.75 -32.66
N LEU A 370 10.07 55.05 -31.49
CA LEU A 370 9.99 54.14 -30.35
C LEU A 370 10.06 54.90 -29.02
N PRO A 390 -2.74 60.40 -50.47
CA PRO A 390 -3.78 60.86 -49.53
C PRO A 390 -3.24 61.10 -48.12
N GLU A 391 -4.07 60.85 -47.12
CA GLU A 391 -3.69 61.05 -45.73
C GLU A 391 -4.11 59.92 -44.81
N SER A 392 -4.99 59.02 -45.23
CA SER A 392 -5.43 57.92 -44.39
C SER A 392 -4.49 56.73 -44.42
N ILE A 393 -3.35 56.84 -45.09
CA ILE A 393 -2.41 55.72 -45.15
C ILE A 393 -1.93 55.36 -43.76
N SER A 394 -1.88 56.33 -42.85
CA SER A 394 -1.44 56.06 -41.49
C SER A 394 -2.31 55.01 -40.82
N SER A 395 -3.63 55.09 -41.03
CA SER A 395 -4.52 54.08 -40.48
C SER A 395 -4.20 52.71 -41.04
N LEU A 396 -4.04 52.62 -42.36
CA LEU A 396 -3.65 51.35 -42.95
C LEU A 396 -2.19 51.01 -42.68
N LEU A 397 -1.40 52.00 -42.25
CA LEU A 397 -0.04 51.69 -41.82
C LEU A 397 -0.05 51.04 -40.44
N SER A 398 -0.94 51.49 -39.56
CA SER A 398 -1.03 50.90 -38.23
C SER A 398 -1.48 49.45 -38.28
N GLU A 399 -2.10 49.02 -39.39
CA GLU A 399 -2.49 47.61 -39.52
C GLU A 399 -1.27 46.70 -39.60
N VAL A 400 -0.17 47.20 -40.19
CA VAL A 400 1.08 46.45 -40.20
C VAL A 400 2.04 46.93 -39.11
N ALA A 401 1.92 48.18 -38.67
CA ALA A 401 2.80 48.68 -37.62
C ALA A 401 2.64 47.88 -36.34
N GLU A 402 1.42 47.84 -35.80
CA GLU A 402 1.19 47.19 -34.52
C GLU A 402 1.56 45.71 -34.54
N TYR A 403 1.66 45.10 -35.72
CA TYR A 403 2.25 43.78 -35.81
C TYR A 403 3.68 43.79 -35.30
N GLY A 404 4.45 44.80 -35.69
CA GLY A 404 5.84 44.86 -35.28
C GLY A 404 6.00 45.02 -33.77
N THR A 405 5.07 45.72 -33.14
CA THR A 405 5.16 45.94 -31.71
C THR A 405 5.11 44.64 -30.91
N CYS A 406 4.59 43.56 -31.49
CA CYS A 406 4.63 42.28 -30.81
C CYS A 406 5.89 41.51 -31.11
N TYR A 407 6.48 41.70 -32.30
CA TYR A 407 7.73 41.02 -32.62
C TYR A 407 8.84 41.45 -31.66
N THR A 408 9.01 42.76 -31.47
CA THR A 408 9.97 43.24 -30.50
C THR A 408 9.57 42.83 -29.09
N ARG A 409 8.27 42.84 -28.79
CA ARG A 409 7.79 42.42 -27.48
C ARG A 409 8.01 40.94 -27.21
N LEU A 410 8.60 40.19 -28.14
CA LEU A 410 8.95 38.80 -27.91
C LEU A 410 10.42 38.63 -27.58
N SER A 411 11.30 39.26 -28.36
CA SER A 411 12.74 39.16 -28.09
C SER A 411 13.08 39.73 -26.72
N HIS A 412 12.37 40.76 -26.28
CA HIS A 412 12.53 41.26 -24.92
C HIS A 412 12.08 40.23 -23.89
N PHE A 413 11.23 39.28 -24.29
CA PHE A 413 10.68 38.29 -23.37
C PHE A 413 11.31 36.91 -23.49
N SER A 414 11.88 36.56 -24.64
CA SER A 414 12.42 35.22 -24.86
C SER A 414 13.88 35.31 -25.29
N LEU A 415 14.66 36.11 -24.58
CA LEU A 415 16.07 36.31 -24.89
C LEU A 415 17.00 35.43 -24.08
N GLN A 416 16.68 35.19 -22.80
CA GLN A 416 17.56 34.39 -21.96
C GLN A 416 17.65 32.97 -22.49
N PRO A 417 18.78 32.29 -22.25
CA PRO A 417 18.92 30.89 -22.68
C PRO A 417 18.11 29.95 -21.80
N LYS A 425 11.71 31.20 -12.98
CA LYS A 425 12.83 30.31 -13.26
C LYS A 425 12.35 28.87 -13.39
N GLY A 426 13.04 28.11 -14.25
CA GLY A 426 12.69 26.73 -14.48
C GLY A 426 13.38 26.17 -15.70
N LEU A 427 13.53 24.85 -15.76
CA LEU A 427 14.21 24.23 -16.90
C LEU A 427 13.27 24.01 -18.08
N VAL A 428 12.02 23.63 -17.81
CA VAL A 428 11.06 23.47 -18.90
C VAL A 428 10.71 24.81 -19.53
N PHE A 429 10.75 25.89 -18.74
CA PHE A 429 10.53 27.21 -19.30
C PHE A 429 11.64 27.60 -20.27
N GLN A 430 12.87 27.15 -20.02
CA GLN A 430 13.96 27.45 -20.93
C GLN A 430 13.75 26.79 -22.28
N ALA A 431 13.36 25.51 -22.28
CA ALA A 431 13.15 24.80 -23.54
C ALA A 431 12.03 25.45 -24.34
N PHE A 432 10.90 25.75 -23.69
CA PHE A 432 9.84 26.50 -24.35
C PHE A 432 10.36 27.85 -24.83
N THR A 433 11.23 28.48 -24.05
CA THR A 433 11.89 29.69 -24.52
C THR A 433 12.84 29.38 -25.67
N SER A 434 13.50 28.23 -25.62
CA SER A 434 14.36 27.82 -26.72
C SER A 434 13.55 27.39 -27.94
N GLY A 435 12.29 27.01 -27.76
CA GLY A 435 11.47 26.67 -28.90
C GLY A 435 10.95 27.88 -29.65
N LEU A 436 10.73 28.99 -28.95
CA LEU A 436 10.18 30.17 -29.60
C LEU A 436 11.16 30.72 -30.64
N ARG A 437 12.43 30.85 -30.26
CA ARG A 437 13.44 31.33 -31.20
C ARG A 437 13.63 30.38 -32.36
N ARG A 438 13.24 29.11 -32.23
CA ARG A 438 13.23 28.22 -33.37
C ARG A 438 12.14 28.59 -34.36
N TYR A 439 11.17 29.40 -33.94
CA TYR A 439 10.06 29.82 -34.78
C TYR A 439 10.27 31.21 -35.37
N LEU A 440 10.66 32.18 -34.54
CA LEU A 440 10.77 33.56 -35.02
C LEU A 440 11.75 33.66 -36.19
N GLN A 441 12.83 32.88 -36.16
CA GLN A 441 13.79 32.94 -37.26
C GLN A 441 13.12 32.60 -38.58
N TYR A 442 12.17 31.64 -38.57
CA TYR A 442 11.39 31.38 -39.77
C TYR A 442 10.61 32.62 -40.18
N TYR A 443 9.99 33.30 -39.21
CA TYR A 443 9.30 34.54 -39.49
C TYR A 443 10.26 35.59 -40.02
N ARG A 444 11.49 35.59 -39.52
CA ARG A 444 12.53 36.44 -40.09
C ARG A 444 13.04 35.88 -41.41
N ALA A 445 12.92 34.57 -41.64
CA ALA A 445 13.33 34.01 -42.91
C ALA A 445 12.33 34.31 -44.01
N CYS A 446 11.04 34.25 -43.70
CA CYS A 446 10.02 34.52 -44.72
C CYS A 446 10.11 35.98 -45.19
N VAL A 447 10.16 36.92 -44.25
CA VAL A 447 10.39 38.31 -44.63
C VAL A 447 11.80 38.44 -45.20
N LEU A 448 12.02 39.52 -45.96
CA LEU A 448 13.28 39.78 -46.64
C LEU A 448 13.66 38.67 -47.62
N SER A 449 12.70 37.83 -48.00
CA SER A 449 12.97 36.76 -48.94
C SER A 449 12.24 36.94 -50.26
N THR A 450 10.92 37.09 -50.23
CA THR A 450 10.16 37.22 -51.46
C THR A 450 10.25 38.62 -52.08
N PRO A 451 9.82 39.69 -51.38
CA PRO A 451 9.59 40.94 -52.07
C PRO A 451 10.83 41.81 -52.12
N PRO A 452 11.36 42.09 -53.31
CA PRO A 452 12.31 43.19 -53.44
C PRO A 452 11.61 44.53 -53.25
N THR A 453 10.59 44.77 -54.07
CA THR A 453 9.81 46.00 -54.04
C THR A 453 8.46 45.69 -54.69
N LEU A 454 7.44 45.48 -53.87
CA LEU A 454 6.11 45.18 -54.36
C LEU A 454 5.17 46.34 -54.07
N SER A 455 3.93 46.21 -54.54
CA SER A 455 2.93 47.24 -54.31
C SER A 455 2.63 47.36 -52.81
N LEU A 456 2.26 48.58 -52.40
CA LEU A 456 2.00 48.83 -50.99
C LEU A 456 0.87 47.95 -50.48
N LEU A 457 -0.22 47.87 -51.23
CA LEU A 457 -1.37 47.09 -50.77
C LEU A 457 -1.04 45.61 -50.71
N THR A 458 -0.10 45.14 -51.54
CA THR A 458 0.26 43.74 -51.51
C THR A 458 0.81 43.34 -50.15
N ILE A 459 1.56 44.24 -49.51
CA ILE A 459 2.16 43.94 -48.21
C ILE A 459 1.07 43.68 -47.19
N GLY A 460 0.07 44.56 -47.13
CA GLY A 460 -0.99 44.41 -46.14
C GLY A 460 -1.77 43.11 -46.32
N PHE A 461 -2.01 42.71 -47.57
CA PHE A 461 -2.75 41.49 -47.82
C PHE A 461 -1.90 40.25 -47.61
N LEU A 462 -0.62 40.31 -47.99
CA LEU A 462 0.25 39.16 -47.84
C LEU A 462 0.46 38.82 -46.36
N PHE A 463 0.68 39.83 -45.53
CA PHE A 463 0.97 39.63 -44.11
C PHE A 463 -0.29 39.66 -43.26
N LYS A 464 -1.45 39.32 -43.82
CA LYS A 464 -2.67 39.24 -43.03
C LYS A 464 -2.90 37.83 -42.51
N LYS A 465 -2.93 36.84 -43.40
CA LYS A 465 -3.11 35.45 -42.98
C LYS A 465 -2.00 34.99 -42.05
N LEU A 466 -0.87 35.70 -42.03
CA LEU A 466 0.24 35.40 -41.15
C LEU A 466 0.37 36.37 -39.99
N GLY A 467 0.04 37.65 -40.21
CA GLY A 467 0.21 38.63 -39.15
C GLY A 467 -0.71 38.40 -37.98
N ARG A 468 -1.98 38.10 -38.25
CA ARG A 468 -2.93 37.87 -37.15
C ARG A 468 -2.48 36.72 -36.26
N GLN A 469 -1.83 35.71 -36.84
CA GLN A 469 -1.28 34.64 -36.04
C GLN A 469 -0.20 35.15 -35.09
N LEU A 470 0.58 36.14 -35.53
CA LEU A 470 1.60 36.70 -34.65
C LEU A 470 0.98 37.39 -33.46
N ARG A 471 -0.14 38.09 -33.66
CA ARG A 471 -0.82 38.73 -32.54
C ARG A 471 -1.46 37.69 -31.62
N TYR A 472 -1.79 36.51 -32.14
CA TYR A 472 -2.32 35.46 -31.28
C TYR A 472 -1.28 34.99 -30.27
N LEU A 473 -0.01 34.95 -30.68
CA LEU A 473 1.03 34.53 -29.76
C LEU A 473 1.20 35.48 -28.58
N ALA A 474 0.63 36.67 -28.65
CA ALA A 474 0.65 37.57 -27.50
C ALA A 474 -0.36 37.15 -26.43
N GLU A 475 -1.52 36.62 -26.84
CA GLU A 475 -2.46 36.10 -25.85
C GLU A 475 -1.88 34.90 -25.11
N LEU A 476 -1.02 34.13 -25.77
CA LEU A 476 -0.44 32.95 -25.13
C LEU A 476 0.51 33.36 -24.01
N CYS A 477 1.55 34.11 -24.34
CA CYS A 477 2.49 34.58 -23.33
C CYS A 477 1.90 35.80 -22.62
N GLY A 478 2.72 36.47 -21.81
CA GLY A 478 2.24 37.68 -21.15
C GLY A 478 2.11 38.85 -22.12
N VAL A 479 3.17 39.12 -22.86
CA VAL A 479 3.17 40.22 -23.81
C VAL A 479 2.25 39.90 -24.99
N ALA A 494 0.90 35.02 -13.13
CA ALA A 494 1.82 35.36 -14.21
C ALA A 494 1.89 34.24 -15.25
N PHE A 495 3.08 33.68 -15.43
CA PHE A 495 3.28 32.59 -16.36
C PHE A 495 3.69 31.34 -15.61
N PRO A 496 2.96 30.24 -15.73
CA PRO A 496 3.28 29.04 -14.95
C PRO A 496 4.64 28.47 -15.32
N THR A 497 5.09 27.54 -14.49
CA THR A 497 6.36 26.86 -14.69
C THR A 497 6.23 25.41 -14.27
N GLY A 498 7.23 24.62 -14.61
CA GLY A 498 7.19 23.21 -14.26
C GLY A 498 6.08 22.47 -15.00
N VAL A 499 5.53 21.46 -14.34
CA VAL A 499 4.44 20.70 -14.92
C VAL A 499 3.23 21.60 -15.15
N LYS A 500 3.01 22.58 -14.28
CA LYS A 500 1.87 23.48 -14.42
C LYS A 500 1.89 24.19 -15.77
N LEU A 501 3.07 24.39 -16.35
CA LEU A 501 3.15 24.98 -17.68
C LEU A 501 3.08 23.93 -18.78
N LEU A 502 3.71 22.77 -18.57
CA LEU A 502 3.66 21.72 -19.57
C LEU A 502 2.24 21.19 -19.76
N SER A 503 1.38 21.38 -18.76
CA SER A 503 -0.02 20.99 -18.89
C SER A 503 -0.89 22.13 -19.36
N TYR A 504 -0.57 23.38 -18.97
CA TYR A 504 -1.34 24.52 -19.45
C TYR A 504 -1.28 24.63 -20.97
N LEU A 505 -0.07 24.46 -21.53
CA LEU A 505 0.07 24.50 -22.97
C LEU A 505 -0.67 23.36 -23.65
N TYR A 506 -0.87 22.24 -22.95
CA TYR A 506 -1.61 21.15 -23.55
C TYR A 506 -3.08 21.50 -23.74
N GLN A 507 -3.69 22.11 -22.73
CA GLN A 507 -5.10 22.49 -22.84
C GLN A 507 -5.32 23.56 -23.89
N GLU A 508 -4.27 24.23 -24.35
CA GLU A 508 -4.39 25.15 -25.47
C GLU A 508 -4.51 24.43 -26.80
N ALA A 509 -4.18 23.14 -26.85
CA ALA A 509 -4.29 22.39 -28.09
C ALA A 509 -5.73 22.00 -28.38
N LEU A 510 -6.36 21.27 -27.45
CA LEU A 510 -7.75 20.86 -27.64
C LEU A 510 -8.68 22.06 -27.75
N HIS A 511 -8.31 23.18 -27.12
CA HIS A 511 -9.16 24.36 -27.15
C HIS A 511 -9.25 24.95 -28.56
N ASN A 512 -8.20 24.80 -29.36
CA ASN A 512 -8.15 25.38 -30.70
C ASN A 512 -7.58 24.36 -31.69
N CYS A 513 -8.12 23.14 -31.67
CA CYS A 513 -7.50 22.04 -32.42
C CYS A 513 -7.70 22.22 -33.92
N SER A 514 -8.95 22.27 -34.37
CA SER A 514 -9.23 22.15 -35.79
C SER A 514 -8.60 23.26 -36.62
N ASN A 515 -8.39 24.43 -36.03
CA ASN A 515 -8.00 25.61 -36.79
C ASN A 515 -6.55 25.49 -37.24
N GLU A 516 -6.03 26.57 -37.83
CA GLU A 516 -4.67 26.59 -38.37
C GLU A 516 -3.60 26.75 -37.30
N HIS A 517 -3.97 26.90 -36.04
CA HIS A 517 -3.01 27.03 -34.95
C HIS A 517 -2.60 25.68 -34.38
N TYR A 518 -2.84 24.60 -35.09
CA TYR A 518 -2.50 23.27 -34.58
C TYR A 518 -1.02 22.96 -34.73
N PRO A 519 -0.39 23.16 -35.90
CA PRO A 519 1.02 22.79 -36.01
C PRO A 519 1.95 23.62 -35.16
N VAL A 520 1.76 24.95 -35.15
CA VAL A 520 2.69 25.82 -34.44
C VAL A 520 2.67 25.51 -32.94
N LEU A 521 1.48 25.37 -32.36
CA LEU A 521 1.40 25.00 -30.96
C LEU A 521 2.00 23.62 -30.72
N LEU A 522 1.78 22.70 -31.65
CA LEU A 522 2.29 21.34 -31.47
C LEU A 522 3.81 21.32 -31.46
N SER A 523 4.43 22.02 -32.41
CA SER A 523 5.89 22.05 -32.46
C SER A 523 6.49 22.65 -31.20
N LEU A 524 5.76 23.55 -30.54
CA LEU A 524 6.22 24.04 -29.25
C LEU A 524 6.09 22.97 -28.18
N LEU A 525 4.89 22.38 -28.06
CA LEU A 525 4.70 21.31 -27.08
C LEU A 525 5.61 20.13 -27.35
N LYS A 526 5.92 19.85 -28.62
CA LYS A 526 6.82 18.75 -28.94
C LYS A 526 8.23 18.99 -28.43
N THR A 527 8.62 20.27 -28.26
CA THR A 527 9.92 20.59 -27.72
C THR A 527 9.87 21.21 -26.34
N SER A 528 8.70 21.69 -25.89
CA SER A 528 8.59 22.20 -24.53
C SER A 528 8.54 21.08 -23.50
N CYS A 529 8.38 19.83 -23.94
CA CYS A 529 8.41 18.69 -23.04
C CYS A 529 9.68 17.87 -23.20
N GLU A 530 10.62 18.31 -24.02
CA GLU A 530 11.84 17.54 -24.25
C GLU A 530 12.63 17.27 -22.97
N PRO A 531 12.95 18.27 -22.13
CA PRO A 531 13.71 17.94 -20.91
C PRO A 531 12.89 17.16 -19.90
N TYR A 532 11.58 17.38 -19.85
CA TYR A 532 10.75 16.66 -18.88
C TYR A 532 10.74 15.17 -19.16
N THR A 533 10.89 14.76 -20.42
CA THR A 533 10.98 13.33 -20.70
C THR A 533 12.25 12.72 -20.12
N ARG A 534 13.33 13.51 -20.03
CA ARG A 534 14.59 12.97 -19.55
C ARG A 534 14.49 12.51 -18.11
N PHE A 535 13.88 13.33 -17.24
CA PHE A 535 13.69 12.90 -15.86
C PHE A 535 12.76 11.70 -15.80
N ILE A 536 11.75 11.66 -16.67
CA ILE A 536 10.97 10.45 -16.80
C ILE A 536 11.83 9.33 -17.36
N HIS A 537 12.82 9.66 -18.18
CA HIS A 537 13.73 8.66 -18.73
C HIS A 537 14.82 8.24 -17.76
N ASP A 538 14.70 8.60 -16.48
CA ASP A 538 15.64 8.16 -15.45
C ASP A 538 15.07 7.00 -14.63
N TRP A 539 13.91 7.19 -14.02
CA TRP A 539 13.27 6.13 -13.24
C TRP A 539 12.92 4.93 -14.09
N VAL A 540 12.92 5.06 -15.41
CA VAL A 540 12.57 3.94 -16.26
C VAL A 540 13.80 3.14 -16.65
N TYR A 541 14.95 3.79 -16.79
CA TYR A 541 16.15 3.13 -17.29
C TYR A 541 17.26 3.04 -16.24
N SER A 542 17.61 4.16 -15.61
CA SER A 542 18.77 4.20 -14.71
C SER A 542 18.40 4.31 -13.24
N GLY A 543 17.38 5.09 -12.90
CA GLY A 543 16.96 5.23 -11.52
C GLY A 543 17.64 6.32 -10.73
N VAL A 544 18.44 7.16 -11.39
CA VAL A 544 19.06 8.31 -10.73
C VAL A 544 18.14 9.51 -10.87
N PHE A 545 17.75 10.10 -9.75
CA PHE A 545 16.79 11.18 -9.73
C PHE A 545 17.53 12.50 -9.89
N ARG A 546 17.31 13.18 -11.01
CA ARG A 546 17.99 14.43 -11.35
C ARG A 546 16.98 15.56 -11.38
N ASP A 547 16.86 16.28 -10.28
CA ASP A 547 15.99 17.46 -10.19
C ASP A 547 16.85 18.65 -9.81
N ALA A 548 16.50 19.83 -10.33
CA ALA A 548 17.25 21.04 -10.04
C ALA A 548 16.44 22.05 -9.24
N TYR A 549 15.26 22.44 -9.74
CA TYR A 549 14.48 23.50 -9.11
C TYR A 549 13.12 23.04 -8.60
N GLY A 550 12.73 21.80 -8.89
CA GLY A 550 11.45 21.29 -8.47
C GLY A 550 10.40 21.17 -9.55
N GLU A 551 10.77 21.34 -10.83
CA GLU A 551 9.82 21.20 -11.92
C GLU A 551 9.19 19.81 -11.92
N PHE A 552 9.95 18.80 -11.51
CA PHE A 552 9.42 17.45 -11.43
C PHE A 552 8.30 17.41 -10.40
N MET A 553 7.23 16.68 -10.72
CA MET A 553 6.10 16.59 -9.81
C MET A 553 6.44 15.80 -8.55
N ILE A 554 7.53 15.04 -8.56
CA ILE A 554 7.95 14.23 -7.43
C ILE A 554 9.29 14.76 -6.92
N GLN A 555 9.42 14.85 -5.60
CA GLN A 555 10.64 15.33 -4.97
C GLN A 555 11.21 14.23 -4.08
N VAL A 556 12.27 14.58 -3.35
CA VAL A 556 12.89 13.63 -2.42
C VAL A 556 13.50 14.36 -1.23
N LYS A 566 14.03 0.31 7.16
CA LYS A 566 12.89 0.82 7.92
C LYS A 566 11.70 1.08 6.99
N LEU A 567 11.35 2.35 6.81
CA LEU A 567 10.23 2.69 5.94
C LEU A 567 10.71 3.01 4.51
N TYR A 568 11.66 3.94 4.37
CA TYR A 568 12.39 4.13 3.12
C TYR A 568 11.50 4.56 1.97
N TRP A 569 10.21 4.76 2.23
CA TRP A 569 9.26 5.02 1.15
C TRP A 569 8.60 6.38 1.33
N THR A 570 9.41 7.40 1.57
CA THR A 570 8.93 8.77 1.80
C THR A 570 9.35 9.72 0.68
N HIS A 571 9.22 9.28 -0.58
CA HIS A 571 9.40 10.16 -1.73
C HIS A 571 8.01 10.69 -2.10
N GLY A 572 7.67 11.85 -1.54
CA GLY A 572 6.34 12.39 -1.74
C GLY A 572 6.02 12.58 -3.21
N TYR A 573 4.75 12.35 -3.56
CA TYR A 573 4.32 12.36 -4.96
C TYR A 573 3.36 13.49 -5.26
N VAL A 574 2.22 13.55 -4.58
CA VAL A 574 1.21 14.57 -4.86
C VAL A 574 1.28 15.69 -3.84
N VAL A 586 -4.58 17.03 -18.30
CA VAL A 586 -3.22 16.59 -18.01
C VAL A 586 -2.98 15.22 -18.63
N PHE A 587 -1.81 14.65 -18.37
CA PHE A 587 -1.49 13.32 -18.86
C PHE A 587 -2.42 12.27 -18.24
N LEU A 588 -2.56 11.16 -18.96
CA LEU A 588 -3.46 10.10 -18.52
C LEU A 588 -2.98 9.52 -17.19
N LYS A 589 -3.81 9.67 -16.16
CA LYS A 589 -3.47 9.17 -14.83
C LYS A 589 -3.31 7.65 -14.81
N HIS A 590 -3.72 6.96 -15.87
CA HIS A 590 -3.52 5.51 -15.94
C HIS A 590 -2.04 5.14 -15.90
N ILE A 591 -1.15 6.09 -16.19
CA ILE A 591 0.29 5.85 -16.16
C ILE A 591 0.98 6.67 -15.08
N ALA A 592 0.33 7.70 -14.53
CA ALA A 592 0.96 8.58 -13.56
C ALA A 592 1.44 7.81 -12.34
N HIS A 593 0.51 7.18 -11.62
CA HIS A 593 0.88 6.47 -10.39
C HIS A 593 1.80 5.30 -10.65
N ASP A 594 1.78 4.74 -11.87
CA ASP A 594 2.65 3.63 -12.18
C ASP A 594 4.11 4.07 -12.28
N ILE A 595 4.35 5.28 -12.78
CA ILE A 595 5.71 5.79 -12.87
C ILE A 595 6.32 5.95 -11.48
N TYR A 596 5.51 6.38 -10.51
CA TYR A 596 6.01 6.57 -9.16
C TYR A 596 6.53 5.28 -8.55
N VAL A 597 5.91 4.14 -8.88
CA VAL A 597 6.38 2.87 -8.34
C VAL A 597 7.39 2.20 -9.27
N CYS A 598 7.33 2.49 -10.57
CA CYS A 598 8.29 1.90 -11.49
C CYS A 598 9.72 2.38 -11.21
N GLY A 599 9.88 3.44 -10.43
CA GLY A 599 11.20 3.92 -10.08
C GLY A 599 11.69 3.41 -8.75
N LYS A 600 10.82 3.49 -7.72
CA LYS A 600 11.21 3.07 -6.38
C LYS A 600 11.69 1.64 -6.33
N THR A 601 11.23 0.80 -7.26
CA THR A 601 11.75 -0.56 -7.33
C THR A 601 13.22 -0.56 -7.74
N ILE A 602 13.57 0.23 -8.76
CA ILE A 602 14.96 0.30 -9.19
C ILE A 602 15.83 0.90 -8.09
N ASN A 603 15.36 1.97 -7.46
CA ASN A 603 16.11 2.57 -6.37
C ASN A 603 16.23 1.64 -5.18
N LEU A 604 15.35 0.64 -5.07
CA LEU A 604 15.45 -0.35 -4.02
C LEU A 604 16.36 -1.50 -4.39
N LEU A 605 16.40 -1.89 -5.67
CA LEU A 605 17.33 -2.92 -6.10
C LEU A 605 18.77 -2.41 -6.13
N LYS A 606 18.96 -1.09 -6.24
CA LYS A 606 20.32 -0.53 -6.23
C LYS A 606 20.99 -0.74 -4.89
N LEU A 607 20.21 -0.81 -3.81
CA LEU A 607 20.72 -1.10 -2.48
C LEU A 607 20.69 -2.57 -2.13
N CYS A 608 20.69 -3.45 -3.13
CA CYS A 608 20.63 -4.88 -2.89
C CYS A 608 21.29 -5.68 -4.02
N VAL A 1482 -6.94 14.94 -32.89
CA VAL A 1482 -6.80 13.79 -32.02
C VAL A 1482 -5.52 13.90 -31.20
N LEU A 1483 -5.62 13.63 -29.91
CA LEU A 1483 -4.47 13.63 -29.01
C LEU A 1483 -4.37 12.25 -28.37
N MET A 1484 -3.71 11.34 -29.08
CA MET A 1484 -3.45 9.99 -28.58
C MET A 1484 -1.98 9.92 -28.16
N LYS A 1485 -1.75 9.76 -26.86
CA LYS A 1485 -0.38 9.71 -26.34
C LYS A 1485 0.11 8.27 -26.43
N ARG A 1486 0.60 7.92 -27.62
CA ARG A 1486 1.18 6.61 -27.85
C ARG A 1486 2.69 6.64 -27.98
N SER A 1487 3.28 7.80 -28.26
CA SER A 1487 4.73 7.89 -28.38
C SER A 1487 5.43 7.80 -27.03
N ILE A 1488 4.71 7.95 -25.93
CA ILE A 1488 5.30 7.88 -24.59
C ILE A 1488 5.05 6.53 -23.94
N THR A 1489 3.77 6.11 -23.88
CA THR A 1489 3.44 4.90 -23.13
C THR A 1489 3.98 3.64 -23.81
N ALA A 1490 3.92 3.60 -25.15
CA ALA A 1490 4.36 2.40 -25.86
C ALA A 1490 5.83 2.06 -25.60
N PRO A 1491 6.78 2.99 -25.69
CA PRO A 1491 8.16 2.65 -25.29
C PRO A 1491 8.33 2.52 -23.79
N LEU A 1492 7.30 2.79 -23.00
CA LEU A 1492 7.39 2.75 -21.55
C LEU A 1492 6.72 1.53 -20.95
N ALA A 1493 5.46 1.26 -21.33
CA ALA A 1493 4.75 0.13 -20.75
C ALA A 1493 5.44 -1.19 -21.05
N ALA A 1494 6.19 -1.26 -22.15
CA ALA A 1494 6.93 -2.47 -22.46
C ALA A 1494 8.02 -2.74 -21.43
N HIS A 1495 8.52 -1.69 -20.78
CA HIS A 1495 9.58 -1.85 -19.79
C HIS A 1495 9.06 -1.95 -18.37
N ILE A 1496 7.82 -1.51 -18.12
CA ILE A 1496 7.28 -1.58 -16.76
C ILE A 1496 7.00 -3.03 -16.37
N SER A 1497 6.39 -3.80 -17.27
CA SER A 1497 6.05 -5.18 -16.96
C SER A 1497 7.30 -6.04 -16.76
N LEU A 1498 8.38 -5.73 -17.46
CA LEU A 1498 9.59 -6.52 -17.30
C LEU A 1498 10.27 -6.26 -15.96
N VAL A 1499 10.20 -5.03 -15.46
CA VAL A 1499 10.82 -4.71 -14.18
C VAL A 1499 10.05 -5.37 -13.04
N ASN A 1500 8.73 -5.17 -13.01
CA ASN A 1500 7.93 -5.72 -11.92
C ASN A 1500 8.02 -7.25 -11.87
N LYS A 1501 7.91 -7.90 -13.03
CA LYS A 1501 8.04 -9.35 -13.07
C LYS A 1501 9.40 -9.78 -12.56
N ALA A 1502 10.45 -9.04 -12.93
CA ALA A 1502 11.78 -9.34 -12.40
C ALA A 1502 11.92 -8.91 -10.95
N ALA A 1503 11.06 -8.01 -10.47
CA ALA A 1503 11.11 -7.62 -9.07
C ALA A 1503 10.49 -8.68 -8.17
N VAL A 1504 9.32 -9.20 -8.56
CA VAL A 1504 8.68 -10.24 -7.76
C VAL A 1504 9.49 -11.53 -7.81
N ASP A 1505 9.93 -11.91 -9.02
CA ASP A 1505 10.77 -13.10 -9.15
C ASP A 1505 12.04 -12.97 -8.32
N TYR A 1506 12.55 -11.76 -8.16
CA TYR A 1506 13.72 -11.53 -7.32
C TYR A 1506 13.47 -12.00 -5.89
N PHE A 1507 12.23 -11.95 -5.43
CA PHE A 1507 11.94 -12.24 -4.04
C PHE A 1507 11.86 -13.74 -3.79
N PHE A 1508 11.15 -14.48 -4.65
CA PHE A 1508 10.88 -15.88 -4.37
C PHE A 1508 12.14 -16.73 -4.55
N VAL A 1509 12.73 -16.68 -5.74
CA VAL A 1509 13.78 -17.64 -6.09
C VAL A 1509 15.11 -17.36 -5.41
N GLU A 1510 15.26 -16.23 -4.73
CA GLU A 1510 16.52 -15.93 -4.06
C GLU A 1510 16.36 -15.68 -2.57
N LEU A 1511 15.34 -14.92 -2.16
CA LEU A 1511 15.19 -14.56 -0.76
C LEU A 1511 14.13 -15.37 -0.03
N HIS A 1512 13.45 -16.29 -0.73
CA HIS A 1512 12.53 -17.25 -0.12
C HIS A 1512 11.41 -16.55 0.65
N LEU A 1513 10.69 -15.68 -0.05
CA LEU A 1513 9.50 -15.08 0.54
C LEU A 1513 8.45 -16.15 0.81
N GLU A 1514 8.35 -17.15 -0.07
CA GLU A 1514 7.41 -18.23 0.16
C GLU A 1514 7.77 -19.06 1.39
N ALA A 1515 9.03 -19.00 1.82
CA ALA A 1515 9.41 -19.77 3.00
C ALA A 1515 9.03 -19.04 4.29
N HIS A 1516 9.30 -17.73 4.36
CA HIS A 1516 9.05 -16.98 5.58
C HIS A 1516 7.59 -17.09 6.01
N TYR A 1517 6.66 -17.01 5.07
CA TYR A 1517 5.25 -17.15 5.42
C TYR A 1517 4.98 -18.54 5.97
N GLU A 1518 5.35 -19.58 5.23
CA GLU A 1518 5.15 -20.95 5.70
C GLU A 1518 6.09 -21.34 6.82
N ALA A 1519 6.89 -20.40 7.33
CA ALA A 1519 7.69 -20.61 8.52
C ALA A 1519 7.16 -19.85 9.72
N LEU A 1520 6.72 -18.61 9.55
CA LEU A 1520 6.10 -17.89 10.66
C LEU A 1520 4.83 -18.57 11.12
N ARG A 1521 4.11 -19.22 10.18
CA ARG A 1521 2.93 -19.96 10.57
C ARG A 1521 3.28 -21.15 11.45
N HIS A 1522 4.46 -21.74 11.23
CA HIS A 1522 4.89 -22.87 12.06
C HIS A 1522 5.11 -22.47 13.50
N PHE A 1523 5.48 -21.21 13.75
CA PHE A 1523 5.84 -20.74 15.08
C PHE A 1523 4.80 -19.84 15.71
N LEU A 1524 4.36 -18.80 15.00
CA LEU A 1524 3.40 -17.86 15.59
C LEU A 1524 2.01 -18.47 15.68
N LEU A 1525 1.45 -18.86 14.56
CA LEU A 1525 0.10 -19.43 14.56
C LEU A 1525 0.04 -20.85 15.12
N MET A 1526 1.14 -21.35 15.70
CA MET A 1526 1.15 -22.61 16.42
C MET A 1526 0.74 -23.78 15.55
N GLU A 1527 0.99 -23.70 14.24
CA GLU A 1527 0.58 -24.78 13.36
C GLU A 1527 1.36 -26.05 13.62
N ASP A 1528 2.63 -25.91 14.00
CA ASP A 1528 3.48 -27.07 14.25
C ASP A 1528 3.23 -27.60 15.65
N GLY A 1529 2.67 -28.80 15.74
CA GLY A 1529 2.55 -29.47 17.02
C GLY A 1529 3.91 -29.81 17.59
N GLU A 1530 3.93 -30.40 18.78
CA GLU A 1530 5.17 -30.76 19.48
C GLU A 1530 6.02 -29.53 19.78
N PHE A 1531 5.50 -28.34 19.45
CA PHE A 1531 6.14 -27.09 19.80
C PHE A 1531 5.29 -26.29 20.78
N ALA A 1532 4.05 -25.99 20.43
CA ALA A 1532 3.15 -25.38 21.39
C ALA A 1532 2.89 -26.33 22.56
N GLN A 1533 2.67 -27.61 22.25
CA GLN A 1533 2.51 -28.63 23.28
C GLN A 1533 3.77 -28.82 24.09
N SER A 1534 4.87 -28.16 23.74
CA SER A 1534 6.08 -28.14 24.55
C SER A 1534 6.38 -26.77 25.14
N LEU A 1535 5.97 -25.70 24.47
CA LEU A 1535 6.15 -24.36 25.04
C LEU A 1535 5.08 -24.09 26.11
N SER A 1536 3.81 -24.13 25.71
CA SER A 1536 2.74 -23.87 26.66
C SER A 1536 2.77 -24.86 27.82
N ASP A 1537 3.11 -26.11 27.53
CA ASP A 1537 3.17 -27.11 28.58
C ASP A 1537 4.28 -26.80 29.58
N LEU A 1538 5.35 -26.13 29.14
CA LEU A 1538 6.40 -25.74 30.09
C LEU A 1538 5.97 -24.57 30.95
N LEU A 1539 5.48 -23.50 30.34
CA LEU A 1539 5.08 -22.33 31.10
C LEU A 1539 4.01 -22.66 32.12
N PHE A 1540 3.03 -23.48 31.72
CA PHE A 1540 1.93 -23.80 32.63
C PHE A 1540 2.36 -24.66 33.80
N GLU A 1541 3.57 -25.21 33.80
CA GLU A 1541 4.03 -25.99 34.94
C GLU A 1541 4.27 -25.09 36.15
N LYS A 1542 4.67 -23.84 35.92
CA LYS A 1542 5.02 -22.96 37.02
C LYS A 1542 3.77 -22.49 37.76
N LEU A 1543 2.89 -21.77 37.08
CA LEU A 1543 1.68 -21.26 37.71
C LEU A 1543 0.67 -22.39 37.93
N PRO A 1549 4.81 -14.18 39.20
CA PRO A 1549 5.11 -12.93 39.91
C PRO A 1549 6.53 -12.45 39.66
N GLY A 1550 7.35 -12.41 40.71
CA GLY A 1550 8.75 -12.07 40.55
C GLY A 1550 9.52 -13.13 39.78
N GLU A 1551 9.20 -14.40 40.00
CA GLU A 1551 9.72 -15.46 39.16
C GLU A 1551 8.98 -15.46 37.83
N LEU A 1552 9.47 -16.28 36.90
CA LEU A 1552 8.89 -16.50 35.58
C LEU A 1552 8.90 -15.25 34.71
N LEU A 1553 9.46 -14.15 35.19
CA LEU A 1553 9.53 -12.93 34.39
C LEU A 1553 10.93 -12.38 34.26
N ASN A 1554 11.93 -13.04 34.80
CA ASN A 1554 13.23 -12.50 34.47
C ASN A 1554 13.76 -13.16 33.20
N PRO A 1555 14.61 -12.47 32.44
CA PRO A 1555 15.08 -13.02 31.15
C PRO A 1555 15.92 -14.28 31.29
N LEU A 1556 16.05 -14.81 32.50
CA LEU A 1556 16.84 -16.02 32.69
C LEU A 1556 16.01 -17.29 32.48
N VAL A 1557 14.70 -17.21 32.60
CA VAL A 1557 13.83 -18.37 32.47
C VAL A 1557 12.97 -18.28 31.20
N LEU A 1558 12.34 -17.14 30.96
CA LEU A 1558 11.44 -17.03 29.82
C LEU A 1558 12.16 -16.76 28.51
N ASN A 1559 13.37 -16.17 28.57
CA ASN A 1559 14.18 -16.06 27.37
C ASN A 1559 15.04 -17.30 27.15
N SER A 1560 15.05 -18.23 28.10
CA SER A 1560 15.72 -19.52 27.92
C SER A 1560 14.76 -20.65 27.65
N VAL A 1561 13.50 -20.53 28.07
CA VAL A 1561 12.53 -21.60 27.84
C VAL A 1561 12.31 -21.81 26.35
N LEU A 1562 12.49 -20.75 25.54
CA LEU A 1562 12.36 -20.91 24.11
C LEU A 1562 13.49 -21.75 23.54
N SER A 1563 14.73 -21.45 23.92
CA SER A 1563 15.86 -22.23 23.43
C SER A 1563 15.78 -23.68 23.88
N LYS A 1564 15.01 -23.97 24.93
CA LYS A 1564 14.71 -25.35 25.26
C LYS A 1564 13.52 -25.87 24.46
N ALA A 1565 12.63 -24.97 24.04
CA ALA A 1565 11.45 -25.40 23.31
C ALA A 1565 11.79 -25.83 21.89
N LEU A 1566 12.63 -25.06 21.20
CA LEU A 1566 12.92 -25.34 19.79
C LEU A 1566 13.55 -26.71 19.61
N GLN A 1567 14.26 -27.22 20.61
CA GLN A 1567 14.91 -28.52 20.46
C GLN A 1567 13.89 -29.64 20.38
N CYS A 1568 12.75 -29.50 21.03
CA CYS A 1568 11.71 -30.53 21.02
C CYS A 1568 10.72 -30.33 19.88
N SER A 1569 11.08 -29.54 18.87
CA SER A 1569 10.14 -29.23 17.80
C SER A 1569 10.11 -30.29 16.71
N LEU A 1570 11.19 -31.03 16.51
CA LEU A 1570 11.37 -31.96 15.39
C LEU A 1570 11.20 -31.25 14.05
N HIS A 1571 11.22 -29.92 14.04
CA HIS A 1571 11.07 -29.15 12.81
C HIS A 1571 11.55 -27.73 13.09
N GLY A 1572 12.55 -27.28 12.35
CA GLY A 1572 13.12 -25.97 12.59
C GLY A 1572 14.62 -26.01 12.75
N ASP A 1573 15.14 -25.24 13.70
CA ASP A 1573 16.58 -25.11 13.92
C ASP A 1573 17.31 -24.69 12.64
N THR A 1574 16.66 -23.83 11.87
CA THR A 1574 17.20 -23.24 10.66
C THR A 1574 17.47 -21.76 10.89
N PRO A 1575 18.18 -21.10 9.97
CA PRO A 1575 18.26 -19.64 10.06
C PRO A 1575 16.92 -18.96 10.21
N HIS A 1576 15.86 -19.53 9.64
CA HIS A 1576 14.52 -19.02 9.90
C HIS A 1576 14.13 -19.20 11.35
N ALA A 1577 14.51 -20.34 11.95
CA ALA A 1577 14.04 -20.68 13.29
C ALA A 1577 14.54 -19.72 14.35
N SER A 1578 15.60 -18.97 14.08
CA SER A 1578 16.07 -17.97 15.03
C SER A 1578 15.14 -16.76 14.97
N ASN A 1579 15.54 -15.68 15.63
CA ASN A 1579 14.79 -14.42 15.60
C ASN A 1579 13.42 -14.55 16.25
N LEU A 1580 13.27 -15.50 17.17
CA LEU A 1580 12.02 -15.66 17.92
C LEU A 1580 12.20 -15.02 19.29
N SER A 1581 12.15 -13.70 19.32
CA SER A 1581 12.30 -12.95 20.57
C SER A 1581 11.03 -13.13 21.40
N LEU A 1582 11.11 -13.98 22.41
CA LEU A 1582 9.99 -14.22 23.31
C LEU A 1582 10.00 -13.12 24.35
N ALA A 1583 9.36 -12.00 24.03
CA ALA A 1583 9.38 -10.82 24.90
C ALA A 1583 7.99 -10.55 25.48
N LEU A 1584 7.98 -9.85 26.60
CA LEU A 1584 6.76 -9.53 27.32
C LEU A 1584 6.40 -8.06 27.14
N LYS A 1585 5.18 -7.71 27.57
CA LYS A 1585 4.71 -6.35 27.42
C LYS A 1585 3.96 -5.82 28.64
N TYR A 1586 4.02 -6.50 29.78
CA TYR A 1586 3.32 -6.04 30.96
C TYR A 1586 3.95 -6.67 32.19
N LEU A 1587 3.72 -6.05 33.34
CA LEU A 1587 4.26 -6.49 34.62
C LEU A 1587 3.09 -6.69 35.59
N PRO A 1588 2.39 -7.82 35.50
CA PRO A 1588 1.25 -8.06 36.40
C PRO A 1588 1.69 -8.30 37.83
N GLU A 1589 0.72 -8.51 38.73
CA GLU A 1589 0.99 -8.64 40.15
C GLU A 1589 0.78 -10.06 40.66
N VAL A 1590 -0.40 -10.63 40.44
CA VAL A 1590 -0.68 -11.98 40.92
C VAL A 1590 -1.60 -12.71 39.94
N PRO A 1596 -6.51 -18.12 38.86
CA PRO A 1596 -7.91 -18.53 38.71
C PRO A 1596 -8.54 -17.94 37.46
N ASP A 1597 -7.93 -16.90 36.92
CA ASP A 1597 -8.42 -16.23 35.73
C ASP A 1597 -8.00 -17.02 34.50
N VAL A 1598 -8.15 -16.41 33.32
CA VAL A 1598 -7.80 -17.07 32.07
C VAL A 1598 -6.88 -16.18 31.26
N LEU A 1599 -6.10 -15.33 31.93
CA LEU A 1599 -5.23 -14.38 31.26
C LEU A 1599 -3.79 -14.56 31.74
N SER A 1600 -2.86 -14.61 30.79
CA SER A 1600 -1.43 -14.55 31.04
C SER A 1600 -0.84 -13.79 29.85
N CYS A 1601 -0.69 -12.47 30.02
CA CYS A 1601 -0.25 -11.62 28.92
C CYS A 1601 1.21 -11.89 28.59
N LEU A 1602 1.48 -12.10 27.31
CA LEU A 1602 2.81 -12.42 26.81
C LEU A 1602 2.77 -12.36 25.30
N GLU A 1603 3.90 -12.02 24.70
CA GLU A 1603 3.99 -11.83 23.25
C GLU A 1603 5.02 -12.79 22.68
N LEU A 1604 5.09 -12.80 21.35
CA LEU A 1604 6.08 -13.59 20.64
C LEU A 1604 6.27 -12.96 19.26
N ARG A 1605 7.38 -12.27 19.07
CA ARG A 1605 7.59 -11.45 17.88
C ARG A 1605 8.64 -12.08 16.97
N TYR A 1606 8.35 -12.09 15.68
CA TYR A 1606 9.32 -12.48 14.67
C TYR A 1606 10.21 -11.28 14.36
N LYS A 1607 11.36 -11.57 13.76
CA LYS A 1607 12.30 -10.53 13.37
C LYS A 1607 12.78 -10.79 11.94
N VAL A 1608 12.93 -9.72 11.17
CA VAL A 1608 13.34 -9.81 9.78
C VAL A 1608 14.46 -8.81 9.53
N ASP A 1609 14.98 -8.82 8.31
CA ASP A 1609 16.07 -7.95 7.88
C ASP A 1609 15.61 -7.09 6.69
N TRP A 1610 16.55 -6.36 6.10
CA TRP A 1610 16.22 -5.22 5.26
C TRP A 1610 15.37 -5.56 4.03
N PRO A 1611 15.86 -6.34 3.07
CA PRO A 1611 15.07 -6.53 1.84
C PRO A 1611 13.74 -7.26 2.07
N LEU A 1612 13.48 -7.76 3.28
CA LEU A 1612 12.20 -8.33 3.61
C LEU A 1612 11.39 -7.46 4.58
N ASN A 1613 12.04 -6.55 5.30
CA ASN A 1613 11.31 -5.68 6.21
C ASN A 1613 10.32 -4.78 5.47
N ILE A 1614 10.62 -4.44 4.21
CA ILE A 1614 9.79 -3.49 3.50
C ILE A 1614 8.46 -4.08 3.08
N VAL A 1615 8.35 -5.41 3.01
CA VAL A 1615 7.12 -6.06 2.60
C VAL A 1615 6.29 -6.42 3.83
N ILE A 1616 6.84 -7.25 4.70
CA ILE A 1616 6.17 -7.60 5.95
C ILE A 1616 6.19 -6.36 6.83
N THR A 1617 5.03 -5.71 6.95
CA THR A 1617 4.98 -4.44 7.67
C THR A 1617 5.17 -4.66 9.16
N GLU A 1618 5.80 -3.67 9.81
CA GLU A 1618 5.92 -3.69 11.26
C GLU A 1618 4.59 -3.54 11.97
N GLY A 1619 3.49 -3.32 11.23
CA GLY A 1619 2.17 -3.35 11.83
C GLY A 1619 1.50 -4.70 11.70
N CYS A 1620 1.79 -5.44 10.62
CA CYS A 1620 1.18 -6.75 10.43
C CYS A 1620 1.63 -7.72 11.50
N VAL A 1621 2.92 -7.75 11.80
CA VAL A 1621 3.44 -8.63 12.86
C VAL A 1621 2.79 -8.29 14.18
N SER A 1622 2.42 -7.02 14.40
CA SER A 1622 1.75 -6.64 15.64
C SER A 1622 0.39 -7.31 15.77
N LYS A 1623 -0.27 -7.61 14.65
CA LYS A 1623 -1.58 -8.25 14.71
C LYS A 1623 -1.47 -9.75 14.92
N TYR A 1624 -0.38 -10.36 14.45
CA TYR A 1624 -0.08 -11.73 14.85
C TYR A 1624 -0.05 -11.86 16.37
N SER A 1625 0.59 -10.90 17.04
CA SER A 1625 0.57 -10.88 18.50
C SER A 1625 -0.84 -10.80 19.04
N GLY A 1626 -1.75 -10.16 18.31
CA GLY A 1626 -3.13 -10.12 18.72
C GLY A 1626 -3.80 -11.49 18.63
N VAL A 1627 -3.61 -12.18 17.50
CA VAL A 1627 -4.22 -13.49 17.34
C VAL A 1627 -3.47 -14.55 18.13
N PHE A 1628 -2.22 -14.28 18.52
CA PHE A 1628 -1.45 -15.29 19.22
C PHE A 1628 -1.95 -15.45 20.65
N SER A 1629 -2.07 -14.34 21.39
CA SER A 1629 -2.45 -14.43 22.80
C SER A 1629 -3.78 -15.14 22.98
N PHE A 1630 -4.66 -15.10 21.97
CA PHE A 1630 -5.87 -15.91 22.04
C PHE A 1630 -5.54 -17.39 21.90
N LEU A 1631 -4.78 -17.75 20.86
CA LEU A 1631 -4.53 -19.16 20.58
C LEU A 1631 -3.77 -19.82 21.71
N LEU A 1632 -2.83 -19.11 22.34
CA LEU A 1632 -2.16 -19.65 23.51
C LEU A 1632 -3.15 -19.85 24.65
N GLN A 1633 -4.03 -18.87 24.87
CA GLN A 1633 -5.03 -19.00 25.92
C GLN A 1633 -5.88 -20.24 25.73
N LEU A 1634 -6.08 -20.67 24.48
CA LEU A 1634 -6.87 -21.86 24.23
C LEU A 1634 -6.16 -23.10 24.76
N LYS A 1635 -4.86 -23.23 24.50
CA LYS A 1635 -4.12 -24.40 24.97
C LYS A 1635 -4.18 -24.52 26.48
N LEU A 1636 -4.35 -23.40 27.20
CA LEU A 1636 -4.43 -23.45 28.64
C LEU A 1636 -5.61 -24.29 29.10
N MET A 1637 -6.66 -24.36 28.29
CA MET A 1637 -7.79 -25.23 28.63
C MET A 1637 -7.42 -26.70 28.42
N MET A 1638 -6.99 -27.05 27.20
CA MET A 1638 -6.70 -28.44 26.87
C MET A 1638 -5.56 -29.02 27.68
N TRP A 1639 -4.87 -28.23 28.49
CA TRP A 1639 -3.90 -28.75 29.45
C TRP A 1639 -4.49 -28.84 30.85
N ALA A 1640 -5.12 -27.76 31.32
CA ALA A 1640 -5.78 -27.79 32.61
C ALA A 1640 -6.87 -28.86 32.64
N LEU A 1641 -7.69 -28.90 31.60
CA LEU A 1641 -8.70 -29.95 31.51
C LEU A 1641 -8.04 -31.32 31.40
N LYS A 1642 -6.89 -31.40 30.76
CA LYS A 1642 -6.16 -32.66 30.74
C LYS A 1642 -5.64 -33.02 32.13
N ASP A 1643 -5.35 -32.01 32.95
CA ASP A 1643 -4.85 -32.28 34.29
C ASP A 1643 -5.91 -32.98 35.14
N VAL A 1644 -7.11 -32.41 35.20
CA VAL A 1644 -8.17 -33.01 36.00
C VAL A 1644 -8.53 -34.39 35.46
N CYS A 1645 -8.46 -34.57 34.14
CA CYS A 1645 -8.67 -35.90 33.57
C CYS A 1645 -7.57 -36.86 34.03
N PHE A 1646 -6.38 -36.34 34.26
CA PHE A 1646 -5.29 -37.15 34.82
C PHE A 1646 -5.26 -37.10 36.34
N HIS A 1647 -5.65 -35.98 36.93
CA HIS A 1647 -5.70 -35.88 38.39
C HIS A 1647 -6.70 -36.85 38.98
N LEU A 1648 -7.78 -37.12 38.27
CA LEU A 1648 -8.80 -38.05 38.73
C LEU A 1648 -8.39 -39.50 38.52
N LYS A 1649 -7.48 -39.77 37.58
CA LYS A 1649 -7.14 -41.15 37.24
C LYS A 1649 -6.53 -41.87 38.43
N ARG A 1650 -5.68 -41.20 39.21
CA ARG A 1650 -5.05 -41.87 40.35
C ARG A 1650 -6.03 -42.14 41.47
N THR A 1651 -7.21 -41.51 41.45
CA THR A 1651 -8.19 -41.75 42.49
C THR A 1651 -8.73 -43.17 42.45
N ALA A 1652 -8.73 -43.78 41.27
CA ALA A 1652 -9.17 -45.16 41.13
C ALA A 1652 -8.12 -46.13 41.66
N MET A 1657 -12.15 -49.30 42.91
CA MET A 1657 -12.68 -49.43 44.26
C MET A 1657 -13.71 -48.34 44.54
N ALA A 1658 -13.31 -47.09 44.37
CA ALA A 1658 -14.16 -45.94 44.65
C ALA A 1658 -15.15 -45.76 43.50
N GLY A 1659 -16.18 -46.61 43.51
CA GLY A 1659 -17.23 -46.54 42.51
C GLY A 1659 -18.60 -46.34 43.12
N SER A 1660 -19.19 -45.17 42.90
CA SER A 1660 -20.51 -44.87 43.43
C SER A 1660 -21.15 -43.79 42.55
N VAL A 1661 -22.40 -43.47 42.86
CA VAL A 1661 -23.14 -42.47 42.08
C VAL A 1661 -22.41 -41.14 42.12
N GLN A 1662 -21.76 -40.83 43.24
CA GLN A 1662 -21.05 -39.56 43.34
C GLN A 1662 -19.87 -39.50 42.37
N PHE A 1663 -19.29 -40.65 42.03
CA PHE A 1663 -18.12 -40.65 41.17
C PHE A 1663 -18.48 -40.53 39.70
N ARG A 1664 -19.31 -41.45 39.20
CA ARG A 1664 -19.65 -41.45 37.78
C ARG A 1664 -20.35 -40.16 37.38
N GLN A 1665 -21.30 -39.69 38.20
CA GLN A 1665 -21.96 -38.43 37.91
C GLN A 1665 -20.98 -37.25 37.89
N LEU A 1666 -19.83 -37.40 38.53
CA LEU A 1666 -18.83 -36.34 38.51
C LEU A 1666 -18.07 -36.32 37.19
N GLN A 1667 -17.60 -37.48 36.75
CA GLN A 1667 -16.72 -37.53 35.59
C GLN A 1667 -17.44 -37.16 34.31
N LEU A 1668 -18.75 -37.41 34.23
CA LEU A 1668 -19.48 -37.04 33.03
C LEU A 1668 -19.56 -35.54 32.84
N PHE A 1669 -19.28 -34.76 33.87
CA PHE A 1669 -19.19 -33.31 33.71
C PHE A 1669 -18.01 -32.96 32.81
N LYS A 1670 -16.84 -33.54 33.08
CA LYS A 1670 -15.66 -33.26 32.28
C LYS A 1670 -15.87 -33.64 30.83
N HIS A 1671 -16.49 -34.80 30.59
CA HIS A 1671 -16.80 -35.20 29.23
C HIS A 1671 -17.76 -34.23 28.56
N GLU A 1672 -18.63 -33.59 29.35
CA GLU A 1672 -19.54 -32.60 28.78
C GLU A 1672 -18.86 -31.25 28.59
N MET A 1673 -17.82 -30.96 29.36
CA MET A 1673 -17.10 -29.71 29.19
C MET A 1673 -15.95 -29.83 28.19
N GLN A 1674 -15.29 -30.99 28.15
CA GLN A 1674 -14.19 -31.18 27.20
C GLN A 1674 -14.69 -31.10 25.77
N HIS A 1675 -15.84 -31.72 25.48
CA HIS A 1675 -16.33 -31.76 24.11
C HIS A 1675 -16.60 -30.36 23.58
N PHE A 1676 -16.97 -29.41 24.44
CA PHE A 1676 -17.22 -28.06 23.97
C PHE A 1676 -15.93 -27.39 23.49
N VAL A 1677 -14.85 -27.51 24.27
CA VAL A 1677 -13.60 -26.87 23.89
C VAL A 1677 -12.98 -27.58 22.70
N LYS A 1678 -13.05 -28.91 22.68
CA LYS A 1678 -12.55 -29.66 21.52
C LYS A 1678 -13.39 -29.42 20.27
N VAL A 1679 -14.48 -28.66 20.36
CA VAL A 1679 -15.23 -28.24 19.20
C VAL A 1679 -14.84 -26.84 18.76
N ILE A 1680 -14.75 -25.90 19.70
CA ILE A 1680 -14.36 -24.55 19.33
C ILE A 1680 -12.92 -24.53 18.85
N GLN A 1681 -12.08 -25.45 19.34
CA GLN A 1681 -10.72 -25.54 18.83
C GLN A 1681 -10.70 -26.07 17.40
N GLY A 1682 -11.47 -27.12 17.14
CA GLY A 1682 -11.56 -27.65 15.80
C GLY A 1682 -12.07 -26.63 14.79
N TYR A 1683 -12.85 -25.65 15.25
CA TYR A 1683 -13.22 -24.56 14.38
C TYR A 1683 -12.02 -23.69 14.04
N ILE A 1684 -11.31 -23.23 15.07
CA ILE A 1684 -10.15 -22.37 14.85
C ILE A 1684 -9.14 -23.06 13.93
N ALA A 1685 -8.85 -24.33 14.20
CA ALA A 1685 -7.91 -25.07 13.38
C ALA A 1685 -8.47 -25.39 12.00
N ASN A 1686 -9.66 -24.91 11.67
CA ASN A 1686 -10.20 -25.07 10.33
C ASN A 1686 -10.24 -23.77 9.54
N GLN A 1687 -10.42 -22.63 10.22
CA GLN A 1687 -10.52 -21.35 9.54
C GLN A 1687 -9.19 -20.60 9.49
N ILE A 1688 -8.53 -20.43 10.62
CA ILE A 1688 -7.35 -19.55 10.68
C ILE A 1688 -6.07 -20.23 10.23
N LEU A 1689 -6.12 -21.53 9.93
CA LEU A 1689 -4.92 -22.26 9.53
C LEU A 1689 -5.03 -22.99 8.21
N HIS A 1690 -6.23 -23.35 7.75
CA HIS A 1690 -6.36 -24.17 6.56
C HIS A 1690 -7.07 -23.44 5.42
N VAL A 1691 -8.28 -22.91 5.63
CA VAL A 1691 -8.99 -22.32 4.50
C VAL A 1691 -8.49 -20.92 4.21
N THR A 1692 -8.19 -20.13 5.25
CA THR A 1692 -7.59 -18.83 4.99
C THR A 1692 -6.19 -18.96 4.45
N TRP A 1693 -5.56 -20.13 4.61
CA TRP A 1693 -4.27 -20.40 4.00
C TRP A 1693 -4.39 -20.96 2.60
N CYS A 1694 -5.54 -21.54 2.24
CA CYS A 1694 -5.76 -21.90 0.84
C CYS A 1694 -5.71 -20.65 -0.04
N GLU A 1695 -6.47 -19.63 0.32
CA GLU A 1695 -6.21 -18.30 -0.21
C GLU A 1695 -4.85 -17.83 0.30
N PHE A 1696 -4.26 -16.88 -0.43
CA PHE A 1696 -2.95 -16.32 -0.15
C PHE A 1696 -1.82 -17.32 -0.41
N ARG A 1697 -2.14 -18.56 -0.78
CA ARG A 1697 -1.14 -19.50 -1.27
C ARG A 1697 -1.33 -19.80 -2.75
N ALA A 1698 -2.56 -20.06 -3.16
CA ALA A 1698 -2.91 -20.07 -4.57
C ALA A 1698 -3.31 -18.69 -5.08
N ARG A 1699 -3.15 -17.66 -4.26
CA ARG A 1699 -3.45 -16.30 -4.65
C ARG A 1699 -2.22 -15.57 -5.18
N LEU A 1700 -1.06 -15.77 -4.55
CA LEU A 1700 0.16 -15.12 -5.00
C LEU A 1700 0.51 -15.54 -6.42
N ALA A 1701 0.75 -16.83 -6.62
CA ALA A 1701 1.12 -17.35 -7.93
C ALA A 1701 -0.08 -17.36 -8.87
N LEU A 1706 4.74 -5.47 -7.37
CA LEU A 1706 5.29 -5.56 -6.02
C LEU A 1706 4.32 -4.97 -5.01
N GLU A 1707 3.50 -4.02 -5.47
CA GLU A 1707 2.51 -3.43 -4.58
C GLU A 1707 1.49 -4.45 -4.10
N GLU A 1708 1.17 -5.44 -4.95
CA GLU A 1708 0.17 -6.42 -4.58
C GLU A 1708 0.58 -7.24 -3.36
N ILE A 1709 1.88 -7.50 -3.20
CA ILE A 1709 2.36 -8.30 -2.08
C ILE A 1709 1.97 -7.63 -0.76
N GLN A 1710 2.00 -6.29 -0.73
CA GLN A 1710 1.60 -5.57 0.47
C GLN A 1710 0.11 -5.78 0.77
N ARG A 1711 -0.74 -5.68 -0.26
CA ARG A 1711 -2.17 -5.79 -0.05
C ARG A 1711 -2.61 -7.23 0.13
N ALA A 1712 -2.04 -8.16 -0.63
CA ALA A 1712 -2.38 -9.56 -0.48
C ALA A 1712 -2.06 -10.04 0.93
N HIS A 1713 -0.91 -9.66 1.46
CA HIS A 1713 -0.58 -10.00 2.84
C HIS A 1713 -1.53 -9.30 3.81
N ALA A 1714 -1.83 -8.02 3.56
CA ALA A 1714 -2.77 -7.31 4.40
C ALA A 1714 -4.17 -7.89 4.33
N GLU A 1715 -4.46 -8.69 3.31
CA GLU A 1715 -5.74 -9.37 3.21
C GLU A 1715 -5.71 -10.78 3.80
N TYR A 1716 -4.53 -11.40 3.85
CA TYR A 1716 -4.44 -12.73 4.43
C TYR A 1716 -4.65 -12.68 5.94
N LEU A 1717 -3.84 -11.88 6.64
CA LEU A 1717 -3.98 -11.77 8.09
C LEU A 1717 -5.34 -11.21 8.47
N HIS A 1718 -5.81 -10.19 7.74
CA HIS A 1718 -7.07 -9.56 8.11
C HIS A 1718 -8.23 -10.54 8.05
N LYS A 1719 -8.18 -11.50 7.12
CA LYS A 1719 -9.18 -12.57 7.13
C LYS A 1719 -8.95 -13.51 8.30
N ALA A 1720 -7.70 -13.63 8.77
CA ALA A 1720 -7.43 -14.52 9.89
C ALA A 1720 -7.98 -13.94 11.19
N VAL A 1721 -7.86 -12.63 11.39
CA VAL A 1721 -8.44 -12.02 12.59
C VAL A 1721 -9.94 -11.84 12.46
N PHE A 1722 -10.48 -11.86 11.25
CA PHE A 1722 -11.92 -11.72 11.06
C PHE A 1722 -12.64 -13.02 11.38
N ARG A 1723 -12.18 -14.13 10.80
CA ARG A 1723 -12.72 -15.44 11.11
C ARG A 1723 -12.34 -15.91 12.50
N GLY A 1724 -11.55 -15.13 13.24
CA GLY A 1724 -11.07 -15.52 14.54
C GLY A 1724 -11.85 -14.98 15.71
N LEU A 1725 -12.99 -14.34 15.48
CA LEU A 1725 -13.83 -13.81 16.55
C LEU A 1725 -13.09 -12.80 17.42
N LEU A 1726 -12.13 -12.09 16.83
CA LEU A 1726 -11.44 -11.01 17.50
C LEU A 1726 -11.89 -9.63 17.04
N THR A 1727 -12.63 -9.54 15.94
CA THR A 1727 -13.13 -8.27 15.46
C THR A 1727 -14.15 -7.69 16.44
N GLU A 1728 -14.12 -6.36 16.59
CA GLU A 1728 -15.03 -5.70 17.52
C GLU A 1728 -16.49 -5.83 17.10
N LYS A 1729 -16.76 -6.12 15.83
CA LYS A 1729 -18.14 -6.28 15.37
C LYS A 1729 -18.81 -7.44 16.09
N ALA A 1730 -18.19 -8.61 16.08
CA ALA A 1730 -18.70 -9.79 16.77
C ALA A 1730 -18.13 -9.94 18.16
N ALA A 1731 -17.75 -8.84 18.81
CA ALA A 1731 -17.16 -8.92 20.14
C ALA A 1731 -18.06 -9.59 21.18
N PRO A 1732 -19.37 -9.31 21.26
CA PRO A 1732 -20.20 -10.01 22.25
C PRO A 1732 -20.13 -11.52 22.13
N VAL A 1733 -19.90 -12.04 20.93
CA VAL A 1733 -19.71 -13.48 20.78
C VAL A 1733 -18.44 -13.91 21.49
N MET A 1734 -17.46 -13.02 21.58
CA MET A 1734 -16.22 -13.35 22.28
C MET A 1734 -16.33 -13.16 23.77
N ASN A 1735 -17.10 -12.16 24.21
CA ASN A 1735 -17.21 -11.88 25.64
C ASN A 1735 -17.78 -13.07 26.39
N VAL A 1736 -18.79 -13.73 25.82
CA VAL A 1736 -19.41 -14.86 26.50
C VAL A 1736 -18.46 -16.05 26.59
N ILE A 1737 -17.45 -16.12 25.71
CA ILE A 1737 -16.50 -17.22 25.78
C ILE A 1737 -15.76 -17.21 27.11
N HIS A 1738 -15.47 -16.02 27.63
CA HIS A 1738 -14.73 -15.92 28.89
C HIS A 1738 -15.48 -16.58 30.03
N SER A 1739 -16.81 -16.39 30.07
CA SER A 1739 -17.61 -17.04 31.10
C SER A 1739 -17.46 -18.56 31.03
N ILE A 1740 -17.29 -19.10 29.82
CA ILE A 1740 -17.08 -20.54 29.69
C ILE A 1740 -15.69 -20.91 30.19
N PHE A 1741 -14.66 -20.20 29.70
CA PHE A 1741 -13.30 -20.55 30.07
C PHE A 1741 -13.07 -20.37 31.56
N SER A 1742 -13.71 -19.36 32.17
CA SER A 1742 -13.52 -19.11 33.59
C SER A 1742 -14.00 -20.29 34.42
N LEU A 1743 -15.18 -20.83 34.09
CA LEU A 1743 -15.76 -21.88 34.91
C LEU A 1743 -14.93 -23.16 34.86
N VAL A 1744 -14.27 -23.43 33.73
CA VAL A 1744 -13.44 -24.63 33.66
C VAL A 1744 -12.23 -24.50 34.58
N LEU A 1745 -11.70 -23.29 34.72
CA LEU A 1745 -10.59 -23.08 35.65
C LEU A 1745 -11.02 -23.30 37.09
N LYS A 1746 -12.18 -22.78 37.48
CA LYS A 1746 -12.71 -23.08 38.80
C LYS A 1746 -12.92 -24.58 38.97
N PHE A 1747 -13.38 -25.24 37.91
CA PHE A 1747 -13.52 -26.70 37.96
C PHE A 1747 -12.18 -27.38 38.18
N ARG A 1748 -11.08 -26.74 37.79
CA ARG A 1748 -9.77 -27.30 38.03
C ARG A 1748 -9.31 -27.08 39.46
N SER A 1749 -9.73 -25.98 40.09
CA SER A 1749 -9.32 -25.71 41.46
C SER A 1749 -9.84 -26.79 42.40
N GLN A 1750 -11.13 -27.09 42.33
CA GLN A 1750 -11.72 -28.17 43.13
C GLN A 1750 -11.39 -29.51 42.49
N LEU A 1751 -10.13 -29.91 42.64
CA LEU A 1751 -9.63 -31.15 42.08
C LEU A 1751 -10.32 -32.37 42.67
N HIS A 1767 -15.32 -36.73 47.77
CA HIS A 1767 -16.34 -35.71 47.57
C HIS A 1767 -16.54 -34.86 48.81
N PRO A 1768 -15.56 -34.02 49.15
CA PRO A 1768 -15.71 -33.14 50.32
C PRO A 1768 -16.52 -31.89 49.97
N ASN A 1769 -16.45 -31.47 48.72
CA ASN A 1769 -17.13 -30.28 48.25
C ASN A 1769 -17.77 -30.52 46.89
N PHE A 1770 -18.44 -31.67 46.74
CA PHE A 1770 -19.05 -32.01 45.46
C PHE A 1770 -20.12 -31.00 45.07
N ALA A 1771 -21.03 -30.69 46.00
CA ALA A 1771 -22.13 -29.78 45.68
C ALA A 1771 -21.61 -28.42 45.24
N LEU A 1772 -20.49 -27.97 45.80
CA LEU A 1772 -19.88 -26.72 45.33
C LEU A 1772 -19.51 -26.81 43.87
N MET A 1773 -19.17 -27.99 43.38
CA MET A 1773 -18.88 -28.19 41.97
C MET A 1773 -20.13 -28.44 41.15
N GLN A 1774 -21.15 -29.07 41.74
CA GLN A 1774 -22.39 -29.33 41.02
C GLN A 1774 -23.05 -28.04 40.59
N GLN A 1775 -22.99 -27.01 41.45
CA GLN A 1775 -23.53 -25.71 41.08
C GLN A 1775 -22.72 -25.09 39.94
N SER A 1776 -21.41 -25.32 39.93
CA SER A 1776 -20.56 -24.76 38.89
C SER A 1776 -20.94 -25.30 37.52
N TYR A 1777 -21.13 -26.61 37.42
CA TYR A 1777 -21.48 -27.21 36.13
C TYR A 1777 -22.81 -26.70 35.63
N ASN A 1778 -23.78 -26.54 36.54
CA ASN A 1778 -25.08 -26.03 36.13
C ASN A 1778 -24.99 -24.62 35.57
N THR A 1779 -24.06 -23.82 36.08
CA THR A 1779 -23.80 -22.52 35.48
C THR A 1779 -23.19 -22.67 34.10
N PHE A 1780 -22.40 -23.72 33.89
CA PHE A 1780 -21.80 -23.96 32.58
C PHE A 1780 -22.85 -24.32 31.54
N LYS A 1781 -23.80 -25.19 31.91
CA LYS A 1781 -24.83 -25.59 30.96
C LYS A 1781 -25.76 -24.44 30.61
N TYR A 1782 -25.92 -23.47 31.50
CA TYR A 1782 -26.76 -22.32 31.19
C TYR A 1782 -26.06 -21.40 30.19
N TYR A 1783 -24.80 -21.06 30.45
CA TYR A 1783 -24.08 -20.15 29.56
C TYR A 1783 -23.94 -20.73 28.16
N SER A 1784 -23.59 -22.01 28.06
CA SER A 1784 -23.51 -22.64 26.74
C SER A 1784 -24.85 -22.60 26.03
N HIS A 1785 -25.93 -22.89 26.76
CA HIS A 1785 -27.27 -22.81 26.19
C HIS A 1785 -27.65 -21.38 25.83
N PHE A 1786 -27.00 -20.39 26.45
CA PHE A 1786 -27.24 -19.00 26.08
C PHE A 1786 -26.45 -18.61 24.84
N LEU A 1787 -25.28 -19.22 24.62
CA LEU A 1787 -24.49 -18.91 23.45
C LEU A 1787 -25.23 -19.28 22.17
N PHE A 1788 -25.94 -20.41 22.19
CA PHE A 1788 -26.64 -20.87 20.99
C PHE A 1788 -27.69 -19.89 20.51
N LYS A 1789 -28.20 -19.02 21.40
CA LYS A 1789 -29.18 -18.03 20.98
C LYS A 1789 -28.54 -16.73 20.50
N VAL A 1790 -27.50 -16.25 21.19
CA VAL A 1790 -26.88 -14.99 20.81
C VAL A 1790 -26.15 -15.07 19.47
N VAL A 1791 -25.69 -16.26 19.09
CA VAL A 1791 -25.03 -16.42 17.80
C VAL A 1791 -26.11 -16.56 16.73
N THR A 1792 -27.21 -17.22 17.07
CA THR A 1792 -28.30 -17.38 16.11
C THR A 1792 -28.92 -16.04 15.76
N LYS A 1793 -29.17 -15.20 16.78
CA LYS A 1793 -29.73 -13.88 16.53
C LYS A 1793 -28.79 -13.02 15.70
N LEU A 1794 -27.50 -13.34 15.67
CA LEU A 1794 -26.52 -12.60 14.89
C LEU A 1794 -26.35 -13.16 13.48
N VAL A 1795 -27.36 -13.85 12.96
CA VAL A 1795 -27.32 -14.36 11.60
C VAL A 1795 -28.17 -13.52 10.66
N ASN A 1796 -29.29 -12.99 11.16
CA ASN A 1796 -30.14 -12.15 10.34
C ASN A 1796 -29.42 -10.89 9.90
N ARG A 1797 -28.63 -10.30 10.79
CA ARG A 1797 -27.87 -9.10 10.47
C ARG A 1797 -26.82 -9.37 9.40
N GLN A 1800 -22.57 -12.10 7.59
CA GLN A 1800 -21.39 -12.79 8.08
C GLN A 1800 -21.43 -14.29 7.84
N PRO A 1801 -21.04 -14.71 6.63
CA PRO A 1801 -21.03 -16.15 6.34
C PRO A 1801 -19.98 -16.92 7.11
N HIS A 1802 -19.01 -16.25 7.73
CA HIS A 1802 -18.02 -16.95 8.53
C HIS A 1802 -18.65 -17.58 9.75
N LEU A 1803 -19.55 -16.86 10.41
CA LEU A 1803 -20.19 -17.35 11.62
C LEU A 1803 -21.14 -18.51 11.34
N GLU A 1804 -21.54 -18.68 10.08
CA GLU A 1804 -22.48 -19.73 9.72
C GLU A 1804 -21.93 -21.10 10.11
N ASP A 1805 -20.66 -21.35 9.82
CA ASP A 1805 -20.08 -22.66 10.11
C ASP A 1805 -19.98 -22.92 11.61
N PHE A 1806 -20.09 -21.88 12.44
CA PHE A 1806 -20.07 -22.09 13.88
C PHE A 1806 -21.32 -22.82 14.35
N LEU A 1807 -22.48 -22.49 13.79
CA LEU A 1807 -23.71 -23.17 14.16
C LEU A 1807 -23.62 -24.66 13.92
N LEU A 1808 -23.16 -25.05 12.74
CA LEU A 1808 -22.95 -26.46 12.44
C LEU A 1808 -21.93 -27.09 13.37
N ARG A 1809 -21.11 -26.29 14.03
CA ARG A 1809 -20.13 -26.79 14.98
C ARG A 1809 -20.70 -26.90 16.38
N ILE A 1810 -21.32 -25.84 16.88
CA ILE A 1810 -21.79 -25.86 18.25
C ILE A 1810 -23.07 -26.67 18.38
N ASN A 1811 -23.90 -26.72 17.34
CA ASN A 1811 -25.16 -27.43 17.35
C ASN A 1811 -25.07 -28.63 16.41
N PHE A 1812 -25.32 -29.82 16.93
CA PHE A 1812 -25.35 -31.03 16.12
C PHE A 1812 -26.08 -32.09 16.91
N ASN A 1813 -27.23 -32.54 16.41
CA ASN A 1813 -28.05 -33.55 17.07
C ASN A 1813 -28.54 -33.05 18.44
N ASN A 1814 -29.00 -31.80 18.46
CA ASN A 1814 -29.50 -31.14 19.66
C ASN A 1814 -30.17 -29.84 19.23
N TYR A 1815 -30.58 -29.04 20.21
CA TYR A 1815 -31.11 -27.71 19.95
C TYR A 1815 -30.43 -26.68 20.84
#